data_2KPR
#
_entry.id   2KPR
#
_cell.length_a   1.000
_cell.length_b   1.000
_cell.length_c   1.000
_cell.angle_alpha   90.00
_cell.angle_beta   90.00
_cell.angle_gamma   90.00
#
_symmetry.space_group_name_H-M   'P 1'
#
_entity_poly.entity_id   1
_entity_poly.type   'polydeoxyribonucleotide'
_entity_poly.pdbx_seq_one_letter_code
;(DG)(DG)(DG)(DT)(DG)(DG)(DG)(DG)(DA)(DA)(DG)(DG)(DG)(DG)(DT)(DG)(DG)(DG)(DT)
;
_entity_poly.pdbx_strand_id   A
#